data_4EDV
#
_entry.id   4EDV
#
_cell.length_a   151.334
_cell.length_b   151.334
_cell.length_c   38.691
_cell.angle_alpha   90.00
_cell.angle_beta   90.00
_cell.angle_gamma   120.00
#
_symmetry.space_group_name_H-M   'P 61'
#
loop_
_entity.id
_entity.type
_entity.pdbx_description
1 polymer 'DNA primase'
2 non-polymer BENZAMIDINE
3 non-polymer "guanosine 5'-(tetrahydrogen triphosphate) 3'-(trihydrogen diphosphate)"
4 non-polymer 'MANGANESE (II) ION'
5 water water
#
_entity_poly.entity_id   1
_entity_poly.type   'polypeptide(L)'
_entity_poly.pdbx_seq_one_letter_code
;SNADDLQMIEMHELIQEFYYYALTKTVEGEQALTYLQERGFTDALIKERGIGFAPDSSHFCHDFLQKKGYDIELAYEAGL
LSRNEENFSYYDRFRNRIMFPLKNAQGRIVGYSGRTYTGQEPKYLNSPETPIFQKRKLLYNLDKARKSIRKLDEIVLLEG
FMDVIKSDTAGLKNVVATMGTQLSDEHITFIRKLTSNITLMFDGDFAGSEATLKTGQHLLQQGLNVFVIQLPSGMDPDEY
IGKYGNDAFTTFVKNDKKSFAHYKVSILKDEIAHNDLSYERYLKELSHDISLMKSSILQQKAINDVAPFFNVSPEQLANE
IQFNQAPAN
;
_entity_poly.pdbx_strand_id   A
#
# COMPACT_ATOMS: atom_id res chain seq x y z
N SER A 1 -6.30 27.40 2.61
CA SER A 1 -5.06 28.14 2.80
C SER A 1 -4.01 27.28 3.48
N ASN A 2 -2.75 27.69 3.35
CA ASN A 2 -1.65 27.00 4.00
C ASN A 2 -1.76 27.04 5.52
N ALA A 3 -2.30 28.15 6.03
CA ALA A 3 -2.52 28.29 7.47
C ALA A 3 -3.53 27.28 7.97
N ASP A 4 -4.64 27.14 7.23
CA ASP A 4 -5.66 26.16 7.59
C ASP A 4 -5.12 24.73 7.47
N ASP A 5 -4.32 24.49 6.45
CA ASP A 5 -3.71 23.18 6.26
C ASP A 5 -2.87 22.81 7.47
N LEU A 6 -2.10 23.77 7.96
CA LEU A 6 -1.25 23.56 9.10
C LEU A 6 -2.05 23.25 10.37
N GLN A 7 -3.17 23.94 10.57
CA GLN A 7 -4.04 23.67 11.71
C GLN A 7 -4.58 22.25 11.65
N MET A 8 -4.95 21.80 10.45
CA MET A 8 -5.46 20.46 10.24
C MET A 8 -4.43 19.40 10.60
N ILE A 9 -3.19 19.65 10.21
CA ILE A 9 -2.08 18.75 10.55
C ILE A 9 -1.89 18.73 12.06
N GLU A 10 -1.94 19.92 12.67
CA GLU A 10 -1.80 20.03 14.11
C GLU A 10 -2.85 19.22 14.85
N MET A 11 -4.10 19.31 14.41
CA MET A 11 -5.18 18.53 15.00
C MET A 11 -4.84 17.05 14.96
N HIS A 12 -4.37 16.58 13.81
CA HIS A 12 -4.00 15.17 13.63
C HIS A 12 -2.87 14.75 14.57
N GLU A 13 -1.84 15.58 14.66
CA GLU A 13 -0.67 15.22 15.46
C GLU A 13 -0.91 15.32 16.97
N LEU A 14 -1.82 16.20 17.37
CA LEU A 14 -2.15 16.32 18.78
C LEU A 14 -3.05 15.17 19.25
N ILE A 15 -4.07 14.85 18.46
CA ILE A 15 -4.98 13.76 18.83
C ILE A 15 -4.26 12.42 18.80
N GLN A 16 -3.19 12.32 18.02
CA GLN A 16 -2.41 11.08 17.97
C GLN A 16 -1.87 10.70 19.34
N GLU A 17 -1.40 11.69 20.09
CA GLU A 17 -0.89 11.44 21.44
C GLU A 17 -2.00 10.89 22.34
N PHE A 18 -3.21 11.37 22.12
CA PHE A 18 -4.36 10.94 22.91
C PHE A 18 -4.80 9.53 22.54
N TYR A 19 -4.85 9.24 21.24
CA TYR A 19 -5.16 7.89 20.75
C TYR A 19 -4.14 6.87 21.27
N TYR A 20 -2.86 7.25 21.23
CA TYR A 20 -1.79 6.38 21.71
C TYR A 20 -1.97 6.05 23.19
N TYR A 21 -2.28 7.06 23.99
CA TYR A 21 -2.52 6.84 25.42
C TYR A 21 -3.73 5.95 25.63
N ALA A 22 -4.80 6.20 24.88
CA ALA A 22 -6.02 5.41 24.98
C ALA A 22 -5.77 3.93 24.70
N LEU A 23 -4.92 3.64 23.71
CA LEU A 23 -4.61 2.28 23.34
C LEU A 23 -3.77 1.55 24.39
N THR A 24 -2.68 2.19 24.80
CA THR A 24 -1.65 1.52 25.59
C THR A 24 -1.87 1.57 27.10
N LYS A 25 -2.71 2.47 27.57
CA LYS A 25 -2.85 2.67 29.01
C LYS A 25 -4.26 2.51 29.58
N THR A 26 -5.29 2.85 28.80
CA THR A 26 -6.64 2.92 29.35
C THR A 26 -7.38 1.58 29.35
N VAL A 27 -8.37 1.47 30.21
CA VAL A 27 -9.17 0.25 30.32
C VAL A 27 -9.90 -0.05 29.01
N GLU A 28 -10.49 0.97 28.40
CA GLU A 28 -11.25 0.77 27.18
C GLU A 28 -10.41 0.28 26.00
N GLY A 29 -9.11 0.62 26.01
CA GLY A 29 -8.23 0.21 24.92
C GLY A 29 -7.66 -1.19 25.06
N GLU A 30 -7.93 -1.86 26.18
CA GLU A 30 -7.29 -3.14 26.49
C GLU A 30 -7.50 -4.25 25.45
N GLN A 31 -8.72 -4.38 24.95
CA GLN A 31 -9.01 -5.42 23.97
C GLN A 31 -8.33 -5.13 22.63
N ALA A 32 -8.33 -3.87 22.23
CA ALA A 32 -7.64 -3.48 21.00
C ALA A 32 -6.15 -3.75 21.13
N LEU A 33 -5.58 -3.46 22.29
CA LEU A 33 -4.16 -3.69 22.52
C LEU A 33 -3.83 -5.19 22.44
N THR A 34 -4.68 -6.02 23.03
CA THR A 34 -4.49 -7.47 22.98
C THR A 34 -4.54 -7.98 21.53
N TYR A 35 -5.51 -7.47 20.77
CA TYR A 35 -5.63 -7.81 19.36
C TYR A 35 -4.34 -7.55 18.59
N LEU A 36 -3.76 -6.36 18.77
CA LEU A 36 -2.51 -6.01 18.09
C LEU A 36 -1.36 -6.92 18.51
N GLN A 37 -1.25 -7.16 19.81
CA GLN A 37 -0.17 -7.99 20.34
C GLN A 37 -0.25 -9.43 19.82
N GLU A 38 -1.47 -9.93 19.66
CA GLU A 38 -1.67 -11.26 19.10
C GLU A 38 -1.34 -11.31 17.60
N ARG A 39 -1.36 -10.16 16.94
CA ARG A 39 -0.97 -10.08 15.54
C ARG A 39 0.53 -9.81 15.40
N GLY A 40 1.25 -9.87 16.50
CA GLY A 40 2.70 -9.75 16.48
C GLY A 40 3.24 -8.36 16.74
N PHE A 41 2.36 -7.41 17.01
CA PHE A 41 2.79 -6.05 17.33
C PHE A 41 3.41 -5.98 18.72
N THR A 42 4.70 -5.70 18.77
CA THR A 42 5.37 -5.47 20.06
C THR A 42 5.02 -4.08 20.53
N ASP A 43 5.29 -3.80 21.81
CA ASP A 43 5.05 -2.48 22.36
C ASP A 43 5.94 -1.44 21.66
N ALA A 44 7.13 -1.87 21.27
CA ALA A 44 8.07 -0.99 20.57
C ALA A 44 7.55 -0.59 19.20
N LEU A 45 6.97 -1.55 18.47
CA LEU A 45 6.45 -1.27 17.14
C LEU A 45 5.23 -0.36 17.20
N ILE A 46 4.37 -0.59 18.20
CA ILE A 46 3.20 0.26 18.40
C ILE A 46 3.63 1.68 18.69
N LYS A 47 4.64 1.83 19.54
CA LYS A 47 5.18 3.14 19.86
C LYS A 47 5.83 3.77 18.62
N GLU A 48 6.60 2.97 17.89
CA GLU A 48 7.28 3.44 16.70
C GLU A 48 6.33 3.99 15.64
N ARG A 49 5.24 3.25 15.37
CA ARG A 49 4.26 3.65 14.37
C ARG A 49 3.22 4.62 14.94
N GLY A 50 3.27 4.86 16.25
CA GLY A 50 2.34 5.76 16.90
C GLY A 50 0.90 5.29 16.85
N ILE A 51 0.71 3.97 16.79
CA ILE A 51 -0.62 3.38 16.68
C ILE A 51 -1.45 3.66 17.94
N GLY A 52 -2.74 3.93 17.76
CA GLY A 52 -3.60 4.27 18.88
C GLY A 52 -4.98 3.64 18.81
N PHE A 53 -5.87 4.12 19.67
CA PHE A 53 -7.23 3.60 19.77
C PHE A 53 -8.21 4.75 19.89
N ALA A 54 -9.29 4.71 19.10
CA ALA A 54 -10.34 5.70 19.22
C ALA A 54 -11.49 5.09 20.02
N PRO A 55 -11.81 5.68 21.18
CA PRO A 55 -12.91 5.21 22.04
C PRO A 55 -14.26 5.28 21.34
N ASP A 56 -15.29 4.65 21.90
CA ASP A 56 -16.58 4.54 21.23
C ASP A 56 -17.59 5.64 21.62
N SER A 57 -17.14 6.63 22.37
CA SER A 57 -18.04 7.65 22.94
C SER A 57 -18.71 8.55 21.91
N SER A 58 -18.06 8.72 20.76
CA SER A 58 -18.51 9.59 19.66
C SER A 58 -18.25 11.09 19.88
N HIS A 59 -17.61 11.42 21.00
CA HIS A 59 -17.24 12.82 21.25
C HIS A 59 -15.88 12.95 21.92
N PHE A 60 -15.08 11.90 21.83
CA PHE A 60 -13.72 11.91 22.36
C PHE A 60 -12.84 12.92 21.61
N CYS A 61 -12.77 12.77 20.30
CA CYS A 61 -11.97 13.68 19.48
C CYS A 61 -12.59 15.07 19.45
N HIS A 62 -13.91 15.11 19.34
CA HIS A 62 -14.65 16.37 19.33
C HIS A 62 -14.33 17.24 20.55
N ASP A 63 -14.48 16.66 21.74
CA ASP A 63 -14.24 17.39 22.98
C ASP A 63 -12.79 17.84 23.12
N PHE A 64 -11.87 16.96 22.74
CA PHE A 64 -10.45 17.28 22.79
C PHE A 64 -10.10 18.48 21.90
N LEU A 65 -10.53 18.44 20.65
CA LEU A 65 -10.23 19.52 19.71
C LEU A 65 -10.91 20.81 20.13
N GLN A 66 -12.08 20.69 20.75
CA GLN A 66 -12.82 21.84 21.25
C GLN A 66 -12.06 22.49 22.39
N LYS A 67 -11.61 21.68 23.34
CA LYS A 67 -10.86 22.17 24.50
C LYS A 67 -9.56 22.86 24.08
N LYS A 68 -8.94 22.38 23.01
CA LYS A 68 -7.70 22.95 22.52
C LYS A 68 -7.93 24.25 21.75
N GLY A 69 -9.19 24.55 21.48
CA GLY A 69 -9.54 25.81 20.85
C GLY A 69 -9.60 25.76 19.34
N TYR A 70 -9.70 24.57 18.77
CA TYR A 70 -9.81 24.46 17.32
C TYR A 70 -11.24 24.69 16.84
N ASP A 71 -11.37 25.24 15.63
CA ASP A 71 -12.67 25.43 15.01
C ASP A 71 -13.24 24.06 14.63
N ILE A 72 -14.43 23.76 15.16
CA ILE A 72 -15.07 22.47 14.96
C ILE A 72 -15.36 22.18 13.48
N GLU A 73 -15.83 23.19 12.76
CA GLU A 73 -16.10 23.03 11.34
C GLU A 73 -14.81 22.70 10.56
N LEU A 74 -13.70 23.26 10.99
CA LEU A 74 -12.41 22.98 10.36
C LEU A 74 -12.00 21.53 10.63
N ALA A 75 -12.34 21.02 11.81
CA ALA A 75 -12.03 19.64 12.18
C ALA A 75 -12.84 18.68 11.31
N TYR A 76 -14.07 19.07 10.99
CA TYR A 76 -14.90 18.33 10.05
C TYR A 76 -14.24 18.30 8.68
N GLU A 77 -13.79 19.47 8.22
CA GLU A 77 -13.10 19.58 6.94
C GLU A 77 -11.80 18.80 6.93
N ALA A 78 -11.19 18.64 8.10
CA ALA A 78 -9.95 17.86 8.24
C ALA A 78 -10.24 16.37 8.28
N GLY A 79 -11.52 16.01 8.29
CA GLY A 79 -11.93 14.62 8.25
C GLY A 79 -11.82 13.88 9.57
N LEU A 80 -11.74 14.62 10.67
CA LEU A 80 -11.68 14.02 11.99
C LEU A 80 -13.08 13.88 12.59
N LEU A 81 -14.01 14.72 12.14
CA LEU A 81 -15.38 14.69 12.64
C LEU A 81 -16.36 14.45 11.51
N SER A 82 -17.52 13.88 11.84
CA SER A 82 -18.62 13.74 10.91
C SER A 82 -19.71 14.73 11.28
N ARG A 83 -20.67 14.92 10.40
CA ARG A 83 -21.75 15.88 10.65
C ARG A 83 -23.14 15.28 10.41
N ASN A 84 -23.99 15.37 11.44
CA ASN A 84 -25.38 14.97 11.32
C ASN A 84 -26.10 16.01 10.48
N GLU A 85 -26.54 15.63 9.28
CA GLU A 85 -27.14 16.60 8.36
C GLU A 85 -28.51 17.12 8.79
N GLU A 86 -29.20 16.35 9.63
CA GLU A 86 -30.52 16.75 10.09
C GLU A 86 -30.45 17.85 11.15
N ASN A 87 -29.51 17.71 12.08
CA ASN A 87 -29.39 18.65 13.19
C ASN A 87 -28.13 19.52 13.12
N PHE A 88 -27.29 19.25 12.12
CA PHE A 88 -26.02 19.95 11.94
C PHE A 88 -25.10 19.89 13.16
N SER A 89 -25.15 18.76 13.86
CA SER A 89 -24.26 18.50 14.99
CA SER A 89 -24.26 18.51 14.98
C SER A 89 -23.03 17.75 14.51
N TYR A 90 -21.94 17.84 15.29
CA TYR A 90 -20.70 17.16 14.94
C TYR A 90 -20.39 16.05 15.92
N TYR A 91 -19.75 14.98 15.42
CA TYR A 91 -19.34 13.86 16.26
C TYR A 91 -18.13 13.16 15.63
N ASP A 92 -17.51 12.26 16.39
CA ASP A 92 -16.31 11.57 15.95
C ASP A 92 -16.55 10.67 14.74
N ARG A 93 -15.71 10.82 13.72
CA ARG A 93 -15.77 9.94 12.55
CA ARG A 93 -15.78 9.94 12.55
C ARG A 93 -15.22 8.55 12.88
N PHE A 94 -14.21 8.52 13.75
CA PHE A 94 -13.56 7.27 14.12
C PHE A 94 -13.99 6.84 15.52
N ARG A 95 -14.69 5.71 15.60
CA ARG A 95 -15.24 5.22 16.87
C ARG A 95 -14.94 3.72 17.04
N ASN A 96 -14.38 3.36 18.19
CA ASN A 96 -14.03 1.97 18.49
C ASN A 96 -13.13 1.32 17.43
N ARG A 97 -12.09 2.04 17.02
CA ARG A 97 -11.17 1.52 16.01
C ARG A 97 -9.71 1.70 16.42
N ILE A 98 -8.86 0.82 15.90
CA ILE A 98 -7.42 0.95 16.09
C ILE A 98 -6.90 1.96 15.07
N MET A 99 -6.21 3.00 15.55
CA MET A 99 -5.86 4.15 14.71
C MET A 99 -4.43 4.13 14.20
N PHE A 100 -4.28 3.98 12.88
CA PHE A 100 -2.98 4.02 12.22
C PHE A 100 -2.78 5.38 11.58
N PRO A 101 -1.79 6.16 12.07
CA PRO A 101 -1.50 7.47 11.51
C PRO A 101 -1.06 7.35 10.06
N LEU A 102 -1.55 8.23 9.20
CA LEU A 102 -1.15 8.25 7.80
C LEU A 102 -0.34 9.51 7.56
N LYS A 103 0.95 9.34 7.30
CA LYS A 103 1.85 10.47 7.15
C LYS A 103 2.11 10.80 5.69
N ASN A 104 2.22 12.09 5.37
CA ASN A 104 2.56 12.49 4.02
C ASN A 104 4.05 12.28 3.75
N ALA A 105 4.50 12.67 2.57
CA ALA A 105 5.90 12.50 2.18
C ALA A 105 6.87 13.23 3.11
N GLN A 106 6.38 14.27 3.77
CA GLN A 106 7.22 15.05 4.70
C GLN A 106 7.15 14.50 6.12
N GLY A 107 6.38 13.44 6.32
CA GLY A 107 6.31 12.80 7.63
C GLY A 107 5.33 13.46 8.58
N ARG A 108 4.44 14.30 8.06
CA ARG A 108 3.41 14.92 8.89
C ARG A 108 2.15 14.07 8.84
N ILE A 109 1.46 13.94 9.97
CA ILE A 109 0.22 13.16 9.99
C ILE A 109 -0.90 13.95 9.35
N VAL A 110 -1.48 13.41 8.28
CA VAL A 110 -2.52 14.12 7.54
C VAL A 110 -3.83 13.35 7.49
N GLY A 111 -3.81 12.13 8.03
CA GLY A 111 -5.02 11.33 8.08
C GLY A 111 -4.86 10.10 8.95
N TYR A 112 -5.93 9.32 9.04
CA TYR A 112 -5.90 8.06 9.79
C TYR A 112 -6.56 6.94 9.01
N SER A 113 -6.10 5.72 9.26
CA SER A 113 -6.87 4.54 8.91
C SER A 113 -7.26 3.86 10.21
N GLY A 114 -8.56 3.68 10.41
CA GLY A 114 -9.06 3.04 11.62
C GLY A 114 -9.54 1.63 11.33
N ARG A 115 -8.89 0.65 11.92
CA ARG A 115 -9.29 -0.75 11.72
C ARG A 115 -10.21 -1.23 12.83
N THR A 116 -11.26 -1.94 12.46
CA THR A 116 -12.08 -2.64 13.42
C THR A 116 -11.25 -3.73 14.07
N TYR A 117 -11.63 -4.13 15.28
CA TYR A 117 -11.03 -5.30 15.91
C TYR A 117 -12.15 -6.21 16.41
N THR A 118 -13.37 -5.91 15.99
CA THR A 118 -14.54 -6.68 16.42
C THR A 118 -15.41 -7.09 15.22
N GLY A 119 -14.79 -7.19 14.04
CA GLY A 119 -15.47 -7.66 12.86
C GLY A 119 -16.54 -6.72 12.32
N GLN A 120 -16.36 -5.42 12.53
CA GLN A 120 -17.33 -4.44 12.05
C GLN A 120 -17.06 -4.00 10.62
N GLU A 121 -18.02 -3.30 10.03
CA GLU A 121 -17.92 -2.84 8.65
C GLU A 121 -17.91 -1.32 8.57
N PRO A 122 -16.99 -0.75 7.76
CA PRO A 122 -15.96 -1.48 7.00
C PRO A 122 -14.79 -1.89 7.89
N LYS A 123 -14.01 -2.88 7.46
CA LYS A 123 -12.85 -3.34 8.22
C LYS A 123 -11.89 -2.20 8.47
N TYR A 124 -11.51 -1.49 7.41
CA TYR A 124 -10.66 -0.31 7.50
C TYR A 124 -11.44 0.94 7.11
N LEU A 125 -11.47 1.93 8.00
CA LEU A 125 -12.09 3.20 7.69
C LEU A 125 -11.01 4.28 7.57
N ASN A 126 -10.87 4.87 6.39
CA ASN A 126 -9.89 5.92 6.15
C ASN A 126 -10.47 7.33 6.33
N SER A 127 -9.58 8.31 6.48
CA SER A 127 -9.97 9.70 6.40
C SER A 127 -10.58 9.91 5.02
N PRO A 128 -11.55 10.83 4.92
CA PRO A 128 -12.07 11.18 3.59
C PRO A 128 -11.07 12.09 2.88
N GLU A 129 -11.32 12.42 1.62
CA GLU A 129 -10.47 13.36 0.90
C GLU A 129 -10.55 14.74 1.56
N THR A 130 -9.38 15.30 1.89
CA THR A 130 -9.30 16.62 2.54
C THR A 130 -8.21 17.45 1.84
N PRO A 131 -8.12 18.76 2.19
CA PRO A 131 -7.03 19.54 1.61
C PRO A 131 -5.64 18.99 1.90
N ILE A 132 -5.48 18.16 2.94
CA ILE A 132 -4.17 17.63 3.27
C ILE A 132 -4.04 16.12 3.03
N PHE A 133 -5.17 15.44 2.85
CA PHE A 133 -5.15 14.01 2.60
C PHE A 133 -5.80 13.67 1.27
N GLN A 134 -4.98 13.24 0.31
CA GLN A 134 -5.48 12.86 -1.01
C GLN A 134 -4.92 11.51 -1.40
N LYS A 135 -5.81 10.53 -1.54
CA LYS A 135 -5.39 9.15 -1.78
C LYS A 135 -4.59 8.96 -3.08
N ARG A 136 -4.87 9.79 -4.08
CA ARG A 136 -4.15 9.69 -5.36
C ARG A 136 -2.70 10.18 -5.25
N LYS A 137 -2.37 10.82 -4.13
CA LYS A 137 -1.02 11.35 -3.94
C LYS A 137 -0.24 10.64 -2.84
N LEU A 138 -0.92 10.25 -1.77
CA LEU A 138 -0.25 9.66 -0.62
C LEU A 138 0.17 8.21 -0.84
N LEU A 139 1.42 7.90 -0.50
CA LEU A 139 1.89 6.53 -0.47
C LEU A 139 2.33 6.20 0.96
N TYR A 140 1.66 5.23 1.57
CA TYR A 140 1.96 4.89 2.95
C TYR A 140 3.42 4.47 3.10
N ASN A 141 4.08 5.02 4.12
CA ASN A 141 5.47 4.70 4.47
C ASN A 141 6.54 5.38 3.61
N LEU A 142 6.12 6.18 2.64
CA LEU A 142 7.07 6.82 1.73
C LEU A 142 8.08 7.69 2.48
N ASP A 143 7.61 8.37 3.52
CA ASP A 143 8.47 9.21 4.36
C ASP A 143 9.64 8.42 4.94
N LYS A 144 9.37 7.21 5.42
CA LYS A 144 10.41 6.36 6.00
CA LYS A 144 10.41 6.36 6.00
C LYS A 144 11.20 5.61 4.94
N ALA A 145 10.53 5.23 3.86
CA ALA A 145 11.14 4.39 2.83
C ALA A 145 12.04 5.10 1.83
N ARG A 146 11.88 6.42 1.69
CA ARG A 146 12.56 7.19 0.65
C ARG A 146 14.06 6.92 0.57
N LYS A 147 14.74 6.96 1.72
CA LYS A 147 16.18 6.78 1.76
C LYS A 147 16.62 5.42 1.21
N SER A 148 15.93 4.35 1.62
CA SER A 148 16.30 3.01 1.19
C SER A 148 15.91 2.76 -0.26
N ILE A 149 14.82 3.39 -0.71
CA ILE A 149 14.42 3.30 -2.11
C ILE A 149 15.52 3.86 -3.02
N ARG A 150 16.05 5.03 -2.67
CA ARG A 150 17.11 5.63 -3.47
C ARG A 150 18.41 4.84 -3.37
N LYS A 151 18.72 4.39 -2.16
CA LYS A 151 19.93 3.60 -1.92
C LYS A 151 19.91 2.27 -2.67
N LEU A 152 18.78 1.58 -2.62
CA LEU A 152 18.65 0.28 -3.26
C LEU A 152 18.23 0.38 -4.72
N ASP A 153 17.87 1.59 -5.15
CA ASP A 153 17.38 1.85 -6.51
C ASP A 153 16.22 0.92 -6.86
N GLU A 154 15.23 0.86 -5.98
CA GLU A 154 14.09 -0.02 -6.17
C GLU A 154 12.99 0.35 -5.17
N ILE A 155 11.74 0.32 -5.63
CA ILE A 155 10.62 0.47 -4.72
C ILE A 155 9.75 -0.78 -4.80
N VAL A 156 9.26 -1.23 -3.64
CA VAL A 156 8.39 -2.40 -3.61
C VAL A 156 6.98 -1.98 -3.20
N LEU A 157 6.01 -2.29 -4.05
CA LEU A 157 4.62 -1.92 -3.79
C LEU A 157 3.82 -3.10 -3.25
N LEU A 158 3.19 -2.91 -2.10
CA LEU A 158 2.32 -3.91 -1.50
C LEU A 158 0.87 -3.48 -1.62
N GLU A 159 -0.05 -4.37 -1.29
CA GLU A 159 -1.49 -4.08 -1.40
C GLU A 159 -2.02 -3.17 -0.30
N GLY A 160 -1.51 -3.33 0.92
CA GLY A 160 -2.02 -2.56 2.04
C GLY A 160 -0.95 -2.19 3.04
N PHE A 161 -1.24 -1.15 3.83
CA PHE A 161 -0.24 -0.62 4.76
C PHE A 161 0.13 -1.60 5.89
N MET A 162 -0.78 -2.51 6.23
CA MET A 162 -0.50 -3.51 7.25
C MET A 162 0.69 -4.39 6.80
N ASP A 163 0.70 -4.77 5.53
CA ASP A 163 1.78 -5.54 4.96
C ASP A 163 3.08 -4.75 4.94
N VAL A 164 2.96 -3.45 4.73
CA VAL A 164 4.12 -2.57 4.74
C VAL A 164 4.76 -2.52 6.13
N ILE A 165 3.93 -2.36 7.16
CA ILE A 165 4.42 -2.29 8.52
C ILE A 165 5.20 -3.54 8.90
N LYS A 166 4.63 -4.71 8.58
CA LYS A 166 5.28 -5.98 8.88
C LYS A 166 6.55 -6.20 8.07
N SER A 167 6.51 -5.87 6.78
CA SER A 167 7.67 -6.04 5.90
C SER A 167 8.81 -5.15 6.34
N ASP A 168 8.49 -3.93 6.75
CA ASP A 168 9.48 -2.98 7.23
C ASP A 168 10.18 -3.52 8.47
N THR A 169 9.41 -4.03 9.43
CA THR A 169 9.95 -4.61 10.65
C THR A 169 10.85 -5.80 10.33
N ALA A 170 10.46 -6.58 9.33
CA ALA A 170 11.19 -7.79 8.97
C ALA A 170 12.55 -7.50 8.33
N GLY A 171 12.74 -6.29 7.83
CA GLY A 171 14.00 -5.90 7.23
C GLY A 171 13.92 -5.41 5.80
N LEU A 172 12.73 -5.41 5.22
CA LEU A 172 12.51 -4.90 3.88
C LEU A 172 12.00 -3.46 3.97
N LYS A 173 12.91 -2.50 3.80
CA LYS A 173 12.63 -1.11 4.14
C LYS A 173 12.08 -0.28 2.99
N ASN A 174 12.29 -0.72 1.75
CA ASN A 174 11.87 0.07 0.59
C ASN A 174 10.46 -0.27 0.11
N VAL A 175 9.53 -0.31 1.05
CA VAL A 175 8.15 -0.70 0.77
C VAL A 175 7.14 0.40 1.02
N VAL A 176 6.15 0.49 0.16
CA VAL A 176 5.04 1.43 0.31
C VAL A 176 3.75 0.77 -0.14
N ALA A 177 2.63 1.42 0.13
CA ALA A 177 1.33 0.98 -0.37
C ALA A 177 0.45 2.19 -0.60
N THR A 178 -0.55 2.06 -1.47
CA THR A 178 -1.57 3.09 -1.59
C THR A 178 -2.61 2.84 -0.53
N MET A 179 -3.47 3.83 -0.28
CA MET A 179 -4.53 3.66 0.70
C MET A 179 -5.77 3.00 0.10
N GLY A 180 -5.60 1.78 -0.39
CA GLY A 180 -6.70 0.99 -0.91
C GLY A 180 -7.15 1.40 -2.30
N THR A 181 -6.30 2.15 -3.00
CA THR A 181 -6.65 2.61 -4.34
C THR A 181 -5.70 2.05 -5.39
N GLN A 182 -6.11 2.15 -6.65
CA GLN A 182 -5.24 1.82 -7.76
C GLN A 182 -4.13 2.85 -7.84
N LEU A 183 -2.93 2.41 -8.19
CA LEU A 183 -1.77 3.31 -8.30
C LEU A 183 -2.04 4.39 -9.34
N SER A 184 -1.96 5.66 -8.94
CA SER A 184 -2.37 6.77 -9.78
C SER A 184 -1.24 7.31 -10.66
N ASP A 185 -1.60 8.13 -11.63
CA ASP A 185 -0.61 8.83 -12.46
C ASP A 185 0.29 9.69 -11.59
N GLU A 186 -0.30 10.34 -10.59
CA GLU A 186 0.46 11.16 -9.65
C GLU A 186 1.49 10.33 -8.88
N HIS A 187 1.05 9.17 -8.38
CA HIS A 187 1.94 8.24 -7.68
C HIS A 187 3.12 7.87 -8.59
N ILE A 188 2.79 7.50 -9.81
CA ILE A 188 3.80 7.06 -10.77
C ILE A 188 4.80 8.18 -11.06
N THR A 189 4.30 9.40 -11.13
CA THR A 189 5.18 10.56 -11.31
C THR A 189 6.11 10.73 -10.12
N PHE A 190 5.58 10.57 -8.90
CA PHE A 190 6.40 10.63 -7.69
C PHE A 190 7.47 9.53 -7.70
N ILE A 191 7.03 8.31 -7.95
CA ILE A 191 7.91 7.14 -7.94
C ILE A 191 9.04 7.26 -8.95
N ARG A 192 8.69 7.64 -10.17
CA ARG A 192 9.65 7.80 -11.27
C ARG A 192 10.86 8.67 -10.91
N LYS A 193 10.66 9.65 -10.03
CA LYS A 193 11.73 10.55 -9.63
C LYS A 193 12.67 9.91 -8.62
N LEU A 194 12.22 8.84 -7.99
CA LEU A 194 13.03 8.15 -6.99
C LEU A 194 13.81 6.98 -7.58
N THR A 195 13.15 6.25 -8.47
CA THR A 195 13.74 5.03 -9.04
C THR A 195 13.01 4.66 -10.33
N SER A 196 13.66 3.88 -11.17
CA SER A 196 13.04 3.37 -12.39
C SER A 196 12.68 1.91 -12.23
N ASN A 197 12.96 1.36 -11.05
CA ASN A 197 12.68 -0.04 -10.76
C ASN A 197 11.56 -0.19 -9.73
N ILE A 198 10.50 -0.88 -10.11
CA ILE A 198 9.39 -1.11 -9.20
C ILE A 198 9.01 -2.59 -9.18
N THR A 199 8.93 -3.15 -7.98
CA THR A 199 8.57 -4.54 -7.80
C THR A 199 7.19 -4.63 -7.17
N LEU A 200 6.31 -5.40 -7.81
CA LEU A 200 4.96 -5.57 -7.30
C LEU A 200 4.87 -6.85 -6.48
N MET A 201 4.47 -6.73 -5.23
CA MET A 201 4.21 -7.90 -4.39
C MET A 201 2.82 -7.82 -3.77
N PHE A 202 1.81 -8.13 -4.56
CA PHE A 202 0.43 -8.12 -4.09
C PHE A 202 0.11 -9.47 -3.47
N ASP A 203 -1.09 -9.61 -2.91
CA ASP A 203 -1.49 -10.86 -2.27
C ASP A 203 -1.49 -12.02 -3.27
N GLY A 204 -1.29 -13.23 -2.75
CA GLY A 204 -1.21 -14.41 -3.59
C GLY A 204 -2.56 -15.02 -3.91
N ASP A 205 -3.48 -14.21 -4.40
CA ASP A 205 -4.77 -14.72 -4.86
C ASP A 205 -5.11 -14.18 -6.24
N PHE A 206 -6.31 -14.47 -6.71
CA PHE A 206 -6.72 -14.08 -8.05
C PHE A 206 -6.78 -12.56 -8.21
N ALA A 207 -7.34 -11.89 -7.21
CA ALA A 207 -7.45 -10.44 -7.22
C ALA A 207 -6.08 -9.78 -7.26
N GLY A 208 -5.11 -10.38 -6.58
CA GLY A 208 -3.76 -9.86 -6.54
C GLY A 208 -3.07 -10.00 -7.88
N SER A 209 -3.30 -11.13 -8.54
CA SER A 209 -2.72 -11.39 -9.85
C SER A 209 -3.32 -10.43 -10.89
N GLU A 210 -4.63 -10.28 -10.87
CA GLU A 210 -5.31 -9.35 -11.76
C GLU A 210 -4.79 -7.94 -11.56
N ALA A 211 -4.62 -7.53 -10.31
CA ALA A 211 -4.10 -6.20 -9.99
C ALA A 211 -2.65 -6.06 -10.42
N THR A 212 -1.88 -7.14 -10.29
CA THR A 212 -0.49 -7.15 -10.73
C THR A 212 -0.41 -6.90 -12.23
N LEU A 213 -1.23 -7.62 -12.98
CA LEU A 213 -1.25 -7.48 -14.44
C LEU A 213 -1.67 -6.08 -14.88
N LYS A 214 -2.68 -5.52 -14.24
CA LYS A 214 -3.19 -4.20 -14.63
C LYS A 214 -2.22 -3.09 -14.25
N THR A 215 -1.75 -3.10 -13.01
CA THR A 215 -0.79 -2.12 -12.53
C THR A 215 0.54 -2.25 -13.26
N GLY A 216 1.00 -3.49 -13.43
CA GLY A 216 2.25 -3.75 -14.12
C GLY A 216 2.25 -3.25 -15.55
N GLN A 217 1.16 -3.52 -16.26
CA GLN A 217 1.03 -3.08 -17.64
C GLN A 217 1.10 -1.57 -17.74
N HIS A 218 0.45 -0.89 -16.81
CA HIS A 218 0.43 0.57 -16.81
C HIS A 218 1.81 1.14 -16.52
N LEU A 219 2.49 0.56 -15.54
CA LEU A 219 3.85 0.97 -15.20
C LEU A 219 4.80 0.74 -16.38
N LEU A 220 4.63 -0.38 -17.07
CA LEU A 220 5.46 -0.72 -18.23
C LEU A 220 5.27 0.32 -19.33
N GLN A 221 4.01 0.66 -19.61
CA GLN A 221 3.69 1.68 -20.61
C GLN A 221 4.30 3.03 -20.24
N GLN A 222 4.49 3.26 -18.95
CA GLN A 222 5.06 4.51 -18.47
C GLN A 222 6.59 4.51 -18.46
N GLY A 223 7.19 3.42 -18.91
CA GLY A 223 8.62 3.37 -19.12
C GLY A 223 9.43 2.93 -17.90
N LEU A 224 8.77 2.31 -16.94
CA LEU A 224 9.45 1.81 -15.76
C LEU A 224 9.84 0.35 -15.91
N ASN A 225 10.88 -0.06 -15.20
CA ASN A 225 11.29 -1.45 -15.13
C ASN A 225 10.44 -2.17 -14.09
N VAL A 226 9.58 -3.08 -14.55
CA VAL A 226 8.62 -3.72 -13.65
C VAL A 226 9.01 -5.15 -13.32
N PHE A 227 8.98 -5.46 -12.02
CA PHE A 227 9.28 -6.80 -11.53
C PHE A 227 8.13 -7.31 -10.68
N VAL A 228 8.02 -8.63 -10.55
CA VAL A 228 6.94 -9.23 -9.79
C VAL A 228 7.46 -10.30 -8.84
N ILE A 229 7.01 -10.22 -7.59
CA ILE A 229 7.25 -11.28 -6.63
C ILE A 229 5.93 -12.00 -6.37
N GLN A 230 5.92 -13.31 -6.60
CA GLN A 230 4.70 -14.08 -6.48
C GLN A 230 4.66 -14.84 -5.16
N LEU A 231 3.79 -14.41 -4.26
CA LEU A 231 3.63 -15.05 -2.96
C LEU A 231 2.90 -16.37 -3.11
N PRO A 232 3.13 -17.31 -2.17
CA PRO A 232 2.38 -18.56 -2.13
C PRO A 232 0.87 -18.32 -2.11
N SER A 233 0.11 -19.27 -2.63
CA SER A 233 -1.34 -19.13 -2.79
C SER A 233 -2.07 -18.75 -1.50
N GLY A 234 -2.85 -17.67 -1.57
CA GLY A 234 -3.67 -17.24 -0.45
C GLY A 234 -2.94 -16.46 0.62
N MET A 235 -1.70 -16.07 0.33
CA MET A 235 -0.90 -15.40 1.36
C MET A 235 -0.50 -13.98 0.99
N ASP A 236 -0.39 -13.14 2.02
CA ASP A 236 0.15 -11.80 1.86
C ASP A 236 1.42 -11.69 2.71
N PRO A 237 2.21 -10.60 2.55
CA PRO A 237 3.47 -10.51 3.30
C PRO A 237 3.33 -10.68 4.80
N ASP A 238 2.26 -10.13 5.39
CA ASP A 238 2.01 -10.29 6.81
C ASP A 238 1.82 -11.76 7.20
N GLU A 239 1.11 -12.50 6.36
CA GLU A 239 0.88 -13.92 6.62
C GLU A 239 2.13 -14.76 6.41
N TYR A 240 2.94 -14.39 5.42
CA TYR A 240 4.19 -15.10 5.16
C TYR A 240 5.16 -14.92 6.33
N ILE A 241 5.32 -13.69 6.78
CA ILE A 241 6.22 -13.38 7.87
C ILE A 241 5.79 -14.07 9.16
N GLY A 242 4.48 -14.13 9.39
CA GLY A 242 3.95 -14.77 10.58
C GLY A 242 4.14 -16.28 10.58
N LYS A 243 4.14 -16.87 9.40
CA LYS A 243 4.24 -18.33 9.29
C LYS A 243 5.68 -18.83 9.17
N TYR A 244 6.51 -18.09 8.42
CA TYR A 244 7.86 -18.55 8.12
C TYR A 244 8.96 -17.74 8.80
N GLY A 245 8.63 -16.56 9.30
CA GLY A 245 9.59 -15.73 10.00
C GLY A 245 10.23 -14.64 9.16
N ASN A 246 11.07 -13.84 9.79
CA ASN A 246 11.71 -12.69 9.15
C ASN A 246 12.74 -13.06 8.09
N ASP A 247 13.70 -13.90 8.46
CA ASP A 247 14.78 -14.29 7.55
C ASP A 247 14.25 -15.00 6.31
N ALA A 248 13.24 -15.84 6.50
CA ALA A 248 12.63 -16.57 5.40
C ALA A 248 11.97 -15.59 4.42
N PHE A 249 11.38 -14.53 4.96
CA PHE A 249 10.71 -13.53 4.14
C PHE A 249 11.67 -12.75 3.25
N THR A 250 12.71 -12.17 3.87
CA THR A 250 13.66 -11.36 3.13
C THR A 250 14.48 -12.19 2.14
N THR A 251 14.62 -13.49 2.43
CA THR A 251 15.27 -14.41 1.51
C THR A 251 14.34 -14.73 0.32
N PHE A 252 13.07 -14.95 0.62
CA PHE A 252 12.06 -15.22 -0.40
C PHE A 252 11.96 -14.08 -1.41
N VAL A 253 11.87 -12.86 -0.88
CA VAL A 253 11.75 -11.66 -1.69
C VAL A 253 12.96 -11.48 -2.62
N LYS A 254 14.13 -11.86 -2.11
CA LYS A 254 15.39 -11.73 -2.85
C LYS A 254 15.55 -12.85 -3.88
N ASN A 255 14.79 -13.93 -3.71
CA ASN A 255 14.94 -15.11 -4.55
C ASN A 255 14.30 -14.97 -5.94
N ASP A 256 12.99 -15.10 -5.99
CA ASP A 256 12.28 -15.15 -7.27
C ASP A 256 11.66 -13.80 -7.65
N LYS A 257 12.42 -12.99 -8.37
CA LYS A 257 11.94 -11.70 -8.83
C LYS A 257 11.98 -11.69 -10.37
N LYS A 258 10.79 -11.75 -10.97
CA LYS A 258 10.67 -11.88 -12.43
C LYS A 258 10.30 -10.56 -13.08
N SER A 259 10.90 -10.28 -14.23
CA SER A 259 10.45 -9.16 -15.07
C SER A 259 8.98 -9.38 -15.42
N PHE A 260 8.27 -8.28 -15.61
CA PHE A 260 6.82 -8.33 -15.81
C PHE A 260 6.38 -9.23 -16.97
N ALA A 261 7.08 -9.13 -18.11
CA ALA A 261 6.76 -9.94 -19.27
C ALA A 261 6.85 -11.43 -18.95
N HIS A 262 7.86 -11.82 -18.17
CA HIS A 262 8.05 -13.22 -17.82
C HIS A 262 6.94 -13.69 -16.89
N TYR A 263 6.59 -12.86 -15.91
CA TYR A 263 5.48 -13.17 -15.02
C TYR A 263 4.17 -13.31 -15.78
N LYS A 264 3.92 -12.39 -16.70
CA LYS A 264 2.67 -12.35 -17.44
C LYS A 264 2.45 -13.61 -18.29
N VAL A 265 3.50 -14.03 -19.00
CA VAL A 265 3.37 -15.20 -19.85
C VAL A 265 3.24 -16.49 -19.01
N SER A 266 3.85 -16.50 -17.82
CA SER A 266 3.75 -17.66 -16.96
C SER A 266 2.33 -17.85 -16.45
N ILE A 267 1.62 -16.74 -16.24
CA ILE A 267 0.23 -16.77 -15.83
C ILE A 267 -0.66 -17.28 -16.98
N LEU A 268 -0.28 -16.90 -18.20
CA LEU A 268 -1.08 -17.24 -19.39
C LEU A 268 -0.67 -18.57 -20.01
N LYS A 269 0.25 -19.28 -19.34
CA LYS A 269 0.87 -20.48 -19.89
C LYS A 269 -0.09 -21.52 -20.46
N ASP A 270 -1.08 -21.91 -19.67
CA ASP A 270 -1.99 -22.98 -20.06
C ASP A 270 -2.94 -22.58 -21.20
N GLU A 271 -3.46 -21.35 -21.14
CA GLU A 271 -4.35 -20.87 -22.18
C GLU A 271 -3.63 -20.81 -23.52
N ILE A 272 -2.39 -20.30 -23.50
CA ILE A 272 -1.56 -20.23 -24.69
C ILE A 272 -1.33 -21.60 -25.32
N ALA A 273 -1.10 -22.61 -24.48
CA ALA A 273 -0.80 -23.95 -24.96
C ALA A 273 -2.02 -24.71 -25.48
N HIS A 274 -3.21 -24.25 -25.13
CA HIS A 274 -4.43 -24.99 -25.48
C HIS A 274 -5.38 -24.22 -26.40
N ASN A 275 -5.27 -22.90 -26.41
CA ASN A 275 -6.16 -22.05 -27.19
C ASN A 275 -5.36 -21.33 -28.27
N ASP A 276 -5.53 -21.76 -29.52
CA ASP A 276 -4.75 -21.18 -30.62
C ASP A 276 -5.09 -19.71 -30.88
N LEU A 277 -6.33 -19.33 -30.60
CA LEU A 277 -6.74 -17.93 -30.72
C LEU A 277 -6.00 -17.08 -29.70
N SER A 278 -5.96 -17.55 -28.45
CA SER A 278 -5.22 -16.87 -27.41
C SER A 278 -3.71 -16.89 -27.67
N TYR A 279 -3.23 -17.98 -28.27
CA TYR A 279 -1.81 -18.11 -28.62
C TYR A 279 -1.37 -16.92 -29.47
N GLU A 280 -2.10 -16.65 -30.55
CA GLU A 280 -1.76 -15.57 -31.45
C GLU A 280 -1.91 -14.20 -30.80
N ARG A 281 -2.99 -14.01 -30.06
CA ARG A 281 -3.22 -12.73 -29.41
CA ARG A 281 -3.26 -12.75 -29.37
C ARG A 281 -2.17 -12.42 -28.35
N TYR A 282 -1.82 -13.41 -27.54
CA TYR A 282 -0.82 -13.21 -26.50
C TYR A 282 0.61 -13.12 -27.03
N LEU A 283 0.88 -13.75 -28.17
CA LEU A 283 2.18 -13.60 -28.80
C LEU A 283 2.37 -12.14 -29.21
N LYS A 284 1.32 -11.58 -29.82
CA LYS A 284 1.34 -10.16 -30.19
C LYS A 284 1.45 -9.25 -28.97
N GLU A 285 0.70 -9.57 -27.92
CA GLU A 285 0.73 -8.77 -26.69
C GLU A 285 2.09 -8.78 -26.03
N LEU A 286 2.66 -9.97 -25.85
CA LEU A 286 3.97 -10.10 -25.22
C LEU A 286 5.06 -9.44 -26.05
N SER A 287 4.93 -9.53 -27.37
CA SER A 287 5.86 -8.84 -28.26
C SER A 287 5.82 -7.34 -27.99
N HIS A 288 4.62 -6.78 -27.91
CA HIS A 288 4.44 -5.37 -27.61
C HIS A 288 4.98 -5.03 -26.22
N ASP A 289 4.70 -5.87 -25.23
CA ASP A 289 5.19 -5.66 -23.87
C ASP A 289 6.71 -5.60 -23.83
N ILE A 290 7.37 -6.54 -24.51
CA ILE A 290 8.83 -6.59 -24.53
C ILE A 290 9.41 -5.36 -25.24
N SER A 291 8.74 -4.89 -26.29
CA SER A 291 9.19 -3.70 -27.02
C SER A 291 9.18 -2.45 -26.14
N LEU A 292 8.32 -2.45 -25.12
CA LEU A 292 8.19 -1.30 -24.22
C LEU A 292 9.33 -1.22 -23.20
N MET A 293 10.00 -2.34 -22.97
CA MET A 293 11.07 -2.40 -21.96
C MET A 293 12.24 -1.49 -22.34
N LYS A 294 12.57 -0.56 -21.44
CA LYS A 294 13.63 0.41 -21.69
C LYS A 294 15.02 -0.21 -21.54
N SER A 295 15.16 -1.14 -20.59
CA SER A 295 16.42 -1.82 -20.36
C SER A 295 16.74 -2.80 -21.46
N SER A 296 17.82 -2.55 -22.19
CA SER A 296 18.24 -3.41 -23.29
C SER A 296 18.66 -4.79 -22.76
N ILE A 297 19.26 -4.80 -21.58
CA ILE A 297 19.69 -6.04 -20.95
C ILE A 297 18.50 -6.91 -20.56
N LEU A 298 17.52 -6.30 -19.91
CA LEU A 298 16.34 -7.05 -19.45
C LEU A 298 15.44 -7.44 -20.61
N GLN A 299 15.43 -6.61 -21.64
CA GLN A 299 14.63 -6.88 -22.84
C GLN A 299 15.11 -8.17 -23.50
N GLN A 300 16.42 -8.31 -23.64
CA GLN A 300 17.00 -9.51 -24.25
C GLN A 300 16.74 -10.76 -23.41
N LYS A 301 16.82 -10.63 -22.10
CA LYS A 301 16.53 -11.76 -21.23
C LYS A 301 15.06 -12.16 -21.28
N ALA A 302 14.18 -11.17 -21.32
CA ALA A 302 12.74 -11.43 -21.42
C ALA A 302 12.44 -12.22 -22.70
N ILE A 303 13.11 -11.86 -23.79
CA ILE A 303 12.94 -12.57 -25.05
C ILE A 303 13.30 -14.05 -24.88
N ASN A 304 14.46 -14.31 -24.26
CA ASN A 304 14.88 -15.67 -24.00
C ASN A 304 13.93 -16.42 -23.08
N ASP A 305 13.38 -15.72 -22.08
CA ASP A 305 12.48 -16.33 -21.11
C ASP A 305 11.07 -16.58 -21.65
N VAL A 306 10.59 -15.68 -22.50
CA VAL A 306 9.22 -15.75 -23.01
C VAL A 306 9.06 -16.72 -24.19
N ALA A 307 10.05 -16.76 -25.06
CA ALA A 307 9.99 -17.59 -26.27
C ALA A 307 9.56 -19.06 -26.08
N PRO A 308 10.12 -19.77 -25.07
CA PRO A 308 9.71 -21.17 -24.88
C PRO A 308 8.22 -21.36 -24.61
N PHE A 309 7.55 -20.35 -24.07
CA PHE A 309 6.12 -20.45 -23.78
C PHE A 309 5.29 -20.53 -25.06
N PHE A 310 5.86 -20.08 -26.18
CA PHE A 310 5.17 -20.10 -27.46
C PHE A 310 5.78 -21.14 -28.40
N ASN A 311 6.74 -21.91 -27.89
CA ASN A 311 7.44 -22.91 -28.70
C ASN A 311 8.05 -22.28 -29.95
N VAL A 312 8.65 -21.11 -29.79
CA VAL A 312 9.43 -20.49 -30.86
C VAL A 312 10.82 -20.17 -30.33
N SER A 313 11.75 -19.89 -31.22
CA SER A 313 13.11 -19.57 -30.82
C SER A 313 13.20 -18.10 -30.42
N PRO A 314 14.17 -17.76 -29.55
CA PRO A 314 14.39 -16.36 -29.18
C PRO A 314 14.54 -15.47 -30.40
N GLU A 315 15.19 -16.00 -31.44
CA GLU A 315 15.39 -15.28 -32.69
C GLU A 315 14.08 -14.98 -33.39
N GLN A 316 13.17 -15.96 -33.40
CA GLN A 316 11.85 -15.77 -33.98
C GLN A 316 11.02 -14.75 -33.21
N LEU A 317 11.10 -14.78 -31.88
CA LEU A 317 10.37 -13.82 -31.07
C LEU A 317 10.94 -12.41 -31.25
N ALA A 318 12.26 -12.32 -31.33
CA ALA A 318 12.94 -11.04 -31.54
C ALA A 318 12.49 -10.41 -32.87
N ASN A 319 12.27 -11.25 -33.87
CA ASN A 319 11.80 -10.80 -35.17
C ASN A 319 10.37 -10.26 -35.10
N GLU A 320 9.55 -10.91 -34.27
CA GLU A 320 8.15 -10.51 -34.12
C GLU A 320 8.05 -9.15 -33.43
N ILE A 321 9.06 -8.84 -32.62
CA ILE A 321 9.12 -7.57 -31.91
C ILE A 321 9.63 -6.45 -32.81
#